data_6H4E
#
_entry.id   6H4E
#
_cell.length_a   80.777
_cell.length_b   81.984
_cell.length_c   106.839
_cell.angle_alpha   90.000
_cell.angle_beta   90.000
_cell.angle_gamma   90.000
#
_symmetry.space_group_name_H-M   'P 21 21 2'
#
loop_
_entity.id
_entity.type
_entity.pdbx_description
1 polymer 'Putative N-acetylneuraminate lyase'
2 non-polymer 'SULFATE ION'
3 water water
#
_entity_poly.entity_id   1
_entity_poly.type   'polypeptide(L)'
_entity_poly.pdbx_seq_one_letter_code
;NKLSGLIAAPHTPFAADGSVNYPVIDDIAKHLIATGVTGAYVLGTTGEGIHCSVEERKKVAERWVTASQGQLDLIIHTGA
LSIADTLELARHAETLDIKATSVIGPCFFKPSHVDDLVEYCRLAAASAPSKGFYYYHSTMSGLSIDMEKFLQAAGKVIPN
LSGMKFNSPDMYEFQRCLRVEGGKYDIPFGVDEFIPAGLACGALSAVGSTYNYAAPLYLELIEKFNQGDHQGVADCMDKV
IAIIRVLVEYGGVAAGKVAMQLHGIDVGAPRRPLRPLTAEQKADALAKFKAANFL
;
_entity_poly.pdbx_strand_id   A,B
#
loop_
_chem_comp.id
_chem_comp.type
_chem_comp.name
_chem_comp.formula
SO4 non-polymer 'SULFATE ION' 'O4 S -2'
#
# COMPACT_ATOMS: atom_id res chain seq x y z
N ASN A 1 -23.66 2.28 -14.01
CA ASN A 1 -23.65 0.99 -13.34
C ASN A 1 -22.24 0.55 -13.02
N LYS A 2 -21.91 0.52 -11.74
CA LYS A 2 -20.56 0.20 -11.32
C LYS A 2 -20.31 -1.30 -11.41
N LEU A 3 -19.05 -1.66 -11.63
CA LEU A 3 -18.66 -3.06 -11.60
C LEU A 3 -18.90 -3.66 -10.22
N SER A 4 -18.97 -4.99 -10.16
CA SER A 4 -19.12 -5.70 -8.91
C SER A 4 -18.36 -7.01 -8.98
N GLY A 5 -17.89 -7.48 -7.83
CA GLY A 5 -17.26 -8.79 -7.79
C GLY A 5 -15.87 -8.80 -8.39
N LEU A 6 -15.50 -9.94 -8.96
CA LEU A 6 -14.17 -10.18 -9.50
C LEU A 6 -14.18 -10.01 -11.02
N ILE A 7 -13.28 -9.18 -11.53
CA ILE A 7 -13.12 -8.97 -12.95
C ILE A 7 -11.74 -9.50 -13.33
N ALA A 8 -11.69 -10.52 -14.17
CA ALA A 8 -10.40 -11.05 -14.57
C ALA A 8 -9.75 -10.13 -15.60
N ALA A 9 -8.43 -10.08 -15.55
CA ALA A 9 -7.64 -9.47 -16.62
C ALA A 9 -7.06 -10.61 -17.43
N PRO A 10 -7.72 -11.06 -18.50
CA PRO A 10 -7.31 -12.32 -19.13
C PRO A 10 -6.05 -12.19 -19.96
N HIS A 11 -5.37 -13.32 -20.11
CA HIS A 11 -4.22 -13.41 -20.98
C HIS A 11 -4.67 -13.36 -22.44
N THR A 12 -3.72 -13.01 -23.32
CA THR A 12 -3.91 -13.25 -24.74
C THR A 12 -3.15 -14.50 -25.11
N PRO A 13 -3.83 -15.53 -25.63
CA PRO A 13 -3.15 -16.81 -25.90
C PRO A 13 -2.37 -16.74 -27.20
N PHE A 14 -1.14 -17.23 -27.16
CA PHE A 14 -0.31 -17.29 -28.37
C PHE A 14 -0.02 -18.75 -28.71
N ALA A 15 0.01 -19.03 -30.01
CA ALA A 15 0.42 -20.33 -30.51
C ALA A 15 1.93 -20.50 -30.35
N ALA A 16 2.42 -21.68 -30.74
CA ALA A 16 3.85 -21.96 -30.57
C ALA A 16 4.72 -20.95 -31.31
N ASP A 17 4.26 -20.44 -32.45
CA ASP A 17 5.05 -19.48 -33.22
C ASP A 17 4.83 -18.04 -32.79
N GLY A 18 4.06 -17.80 -31.72
CA GLY A 18 3.82 -16.46 -31.24
C GLY A 18 2.62 -15.76 -31.84
N SER A 19 1.94 -16.37 -32.82
CA SER A 19 0.74 -15.77 -33.36
C SER A 19 -0.41 -15.88 -32.37
N VAL A 20 -1.44 -15.05 -32.55
CA VAL A 20 -2.57 -15.10 -31.64
C VAL A 20 -3.37 -16.37 -31.90
N ASN A 21 -3.67 -17.11 -30.83
CA ASN A 21 -4.42 -18.37 -30.93
C ASN A 21 -5.88 -18.08 -30.58
N TYR A 22 -6.61 -17.53 -31.57
CA TYR A 22 -7.94 -16.98 -31.27
C TYR A 22 -8.91 -17.97 -30.63
N PRO A 23 -9.00 -19.24 -31.04
CA PRO A 23 -10.01 -20.11 -30.41
C PRO A 23 -9.80 -20.31 -28.92
N VAL A 24 -8.58 -20.15 -28.41
CA VAL A 24 -8.36 -20.33 -26.98
C VAL A 24 -9.02 -19.22 -26.18
N ILE A 25 -9.31 -18.07 -26.79
CA ILE A 25 -10.08 -17.04 -26.10
C ILE A 25 -11.44 -17.59 -25.69
N ASP A 26 -12.07 -18.40 -26.55
CA ASP A 26 -13.34 -19.05 -26.18
C ASP A 26 -13.16 -19.87 -24.91
N ASP A 27 -12.06 -20.62 -24.80
CA ASP A 27 -11.81 -21.44 -23.62
C ASP A 27 -11.69 -20.57 -22.36
N ILE A 28 -10.92 -19.50 -22.44
CA ILE A 28 -10.74 -18.63 -21.27
C ILE A 28 -12.08 -18.06 -20.85
N ALA A 29 -12.85 -17.53 -21.82
CA ALA A 29 -14.13 -16.91 -21.49
C ALA A 29 -15.07 -17.89 -20.81
N LYS A 30 -15.16 -19.12 -21.34
CA LYS A 30 -16.03 -20.13 -20.73
C LYS A 30 -15.61 -20.43 -19.30
N HIS A 31 -14.29 -20.46 -19.06
CA HIS A 31 -13.81 -20.72 -17.71
C HIS A 31 -14.13 -19.58 -16.77
N LEU A 32 -13.99 -18.33 -17.24
CA LEU A 32 -14.33 -17.19 -16.39
C LEU A 32 -15.79 -17.21 -16.01
N ILE A 33 -16.67 -17.46 -16.99
CA ILE A 33 -18.11 -17.50 -16.72
C ILE A 33 -18.43 -18.59 -15.70
N ALA A 34 -17.78 -19.74 -15.84
CA ALA A 34 -18.08 -20.88 -14.98
C ALA A 34 -17.62 -20.66 -13.54
N THR A 35 -16.60 -19.84 -13.32
CA THR A 35 -16.03 -19.70 -11.99
C THR A 35 -16.52 -18.47 -11.25
N GLY A 36 -17.54 -17.78 -11.76
CA GLY A 36 -18.17 -16.71 -11.02
C GLY A 36 -17.61 -15.33 -11.27
N VAL A 37 -16.63 -15.20 -12.17
CA VAL A 37 -16.10 -13.90 -12.56
C VAL A 37 -17.19 -13.14 -13.31
N THR A 38 -17.28 -11.82 -13.07
CA THR A 38 -18.35 -11.02 -13.65
C THR A 38 -17.92 -10.20 -14.86
N GLY A 39 -16.63 -10.13 -15.16
CA GLY A 39 -16.19 -9.33 -16.29
C GLY A 39 -14.76 -9.63 -16.66
N ALA A 40 -14.33 -9.02 -17.77
CA ALA A 40 -12.97 -9.18 -18.26
C ALA A 40 -12.41 -7.84 -18.70
N TYR A 41 -11.21 -7.53 -18.21
CA TYR A 41 -10.46 -6.34 -18.59
C TYR A 41 -9.44 -6.79 -19.64
N VAL A 42 -9.74 -6.48 -20.91
CA VAL A 42 -9.16 -7.15 -22.08
C VAL A 42 -8.01 -6.30 -22.64
N LEU A 43 -6.90 -6.98 -22.96
CA LEU A 43 -5.73 -6.37 -23.62
C LEU A 43 -5.05 -5.32 -22.73
N GLY A 44 -5.14 -5.51 -21.42
CA GLY A 44 -4.33 -4.75 -20.48
C GLY A 44 -2.94 -5.33 -20.34
N THR A 45 -2.35 -5.11 -19.17
CA THR A 45 -1.00 -5.61 -18.93
C THR A 45 -0.95 -7.14 -18.95
N THR A 46 -1.84 -7.78 -18.19
CA THR A 46 -1.84 -9.25 -18.17
C THR A 46 -2.15 -9.82 -19.54
N GLY A 47 -3.02 -9.14 -20.30
CA GLY A 47 -3.36 -9.51 -21.65
C GLY A 47 -2.35 -9.13 -22.70
N GLU A 48 -1.24 -8.51 -22.30
CA GLU A 48 -0.15 -8.17 -23.22
C GLU A 48 -0.67 -7.35 -24.39
N GLY A 49 -1.60 -6.44 -24.11
CA GLY A 49 -2.18 -5.66 -25.19
C GLY A 49 -1.12 -4.92 -25.98
N ILE A 50 -0.18 -4.27 -25.28
CA ILE A 50 0.86 -3.52 -25.97
C ILE A 50 1.85 -4.41 -26.70
N HIS A 51 1.75 -5.74 -26.55
CA HIS A 51 2.58 -6.64 -27.34
C HIS A 51 1.93 -7.03 -28.67
N CYS A 52 0.67 -6.66 -28.89
CA CYS A 52 -0.07 -7.01 -30.09
C CYS A 52 -0.16 -5.83 -31.04
N SER A 53 -0.24 -6.12 -32.33
CA SER A 53 -0.44 -5.06 -33.32
C SER A 53 -1.87 -4.52 -33.22
N VAL A 54 -2.11 -3.38 -33.88
CA VAL A 54 -3.47 -2.84 -33.91
C VAL A 54 -4.46 -3.84 -34.49
N GLU A 55 -4.09 -4.51 -35.59
CA GLU A 55 -5.03 -5.45 -36.19
C GLU A 55 -5.25 -6.67 -35.30
N GLU A 56 -4.21 -7.13 -34.60
CA GLU A 56 -4.40 -8.21 -33.65
C GLU A 56 -5.33 -7.78 -32.52
N ARG A 57 -5.15 -6.56 -32.02
CA ARG A 57 -5.97 -6.10 -30.91
C ARG A 57 -7.44 -5.98 -31.30
N LYS A 58 -7.71 -5.53 -32.53
CA LYS A 58 -9.10 -5.47 -32.98
C LYS A 58 -9.71 -6.87 -33.00
N LYS A 59 -8.98 -7.83 -33.55
CA LYS A 59 -9.51 -9.19 -33.65
C LYS A 59 -9.67 -9.84 -32.28
N VAL A 60 -8.75 -9.58 -31.36
CA VAL A 60 -8.89 -10.12 -30.01
C VAL A 60 -10.13 -9.56 -29.32
N ALA A 61 -10.37 -8.25 -29.46
CA ALA A 61 -11.55 -7.67 -28.83
C ALA A 61 -12.82 -8.24 -29.44
N GLU A 62 -12.85 -8.41 -30.77
CA GLU A 62 -14.02 -9.01 -31.39
C GLU A 62 -14.27 -10.42 -30.89
N ARG A 63 -13.20 -11.21 -30.70
CA ARG A 63 -13.36 -12.57 -30.23
C ARG A 63 -13.86 -12.62 -28.80
N TRP A 64 -13.44 -11.67 -27.96
CA TRP A 64 -13.96 -11.62 -26.60
C TRP A 64 -15.46 -11.36 -26.60
N VAL A 65 -15.96 -10.51 -27.51
CA VAL A 65 -17.39 -10.26 -27.56
C VAL A 65 -18.13 -11.55 -27.92
N THR A 66 -17.70 -12.24 -28.96
CA THR A 66 -18.42 -13.44 -29.39
C THR A 66 -18.26 -14.56 -28.37
N ALA A 67 -17.09 -14.68 -27.74
CA ALA A 67 -16.84 -15.77 -26.81
C ALA A 67 -17.64 -15.62 -25.52
N SER A 68 -17.91 -14.38 -25.09
CA SER A 68 -18.51 -14.15 -23.79
C SER A 68 -20.03 -14.23 -23.82
N GLN A 69 -20.64 -14.14 -25.01
CA GLN A 69 -22.08 -14.33 -25.18
C GLN A 69 -22.90 -13.49 -24.20
N GLY A 70 -22.46 -12.26 -23.98
CA GLY A 70 -23.18 -11.35 -23.11
C GLY A 70 -23.12 -11.66 -21.63
N GLN A 71 -22.26 -12.59 -21.20
CA GLN A 71 -22.23 -13.02 -19.81
C GLN A 71 -21.14 -12.33 -18.99
N LEU A 72 -20.34 -11.47 -19.61
CA LEU A 72 -19.23 -10.79 -18.95
C LEU A 72 -19.27 -9.30 -19.27
N ASP A 73 -19.12 -8.45 -18.25
CA ASP A 73 -18.80 -7.04 -18.50
C ASP A 73 -17.44 -6.94 -19.18
N LEU A 74 -17.38 -6.34 -20.35
CA LEU A 74 -16.14 -6.28 -21.12
C LEU A 74 -15.61 -4.85 -21.15
N ILE A 75 -14.35 -4.69 -20.76
CA ILE A 75 -13.65 -3.40 -20.84
C ILE A 75 -12.44 -3.61 -21.73
N ILE A 76 -12.34 -2.84 -22.79
CA ILE A 76 -11.28 -3.00 -23.78
C ILE A 76 -10.21 -1.95 -23.52
N HIS A 77 -8.99 -2.40 -23.19
CA HIS A 77 -7.87 -1.47 -23.07
C HIS A 77 -7.35 -1.11 -24.48
N THR A 78 -7.45 0.18 -24.83
CA THR A 78 -7.09 0.69 -26.15
C THR A 78 -5.77 1.47 -26.12
N GLY A 79 -5.09 1.52 -24.98
CA GLY A 79 -3.93 2.37 -24.85
C GLY A 79 -2.73 1.86 -25.62
N ALA A 80 -1.96 2.81 -26.16
CA ALA A 80 -0.75 2.53 -26.91
C ALA A 80 0.09 3.80 -26.87
N LEU A 81 1.39 3.66 -27.16
CA LEU A 81 2.23 4.85 -27.14
C LEU A 81 1.86 5.82 -28.26
N SER A 82 1.32 5.32 -29.38
CA SER A 82 0.91 6.17 -30.48
C SER A 82 -0.56 6.55 -30.34
N ILE A 83 -0.82 7.87 -30.35
CA ILE A 83 -2.20 8.35 -30.35
C ILE A 83 -2.94 7.90 -31.61
N ALA A 84 -2.22 7.74 -32.74
CA ALA A 84 -2.85 7.20 -33.94
C ALA A 84 -3.40 5.81 -33.68
N ASP A 85 -2.58 4.93 -33.08
CA ASP A 85 -3.02 3.58 -32.77
C ASP A 85 -4.17 3.59 -31.76
N THR A 86 -4.03 4.39 -30.70
CA THR A 86 -5.05 4.44 -29.65
C THR A 86 -6.41 4.84 -30.21
N LEU A 87 -6.44 5.91 -31.03
CA LEU A 87 -7.73 6.37 -31.53
C LEU A 87 -8.30 5.40 -32.55
N GLU A 88 -7.46 4.74 -33.34
CA GLU A 88 -7.94 3.70 -34.25
CA GLU A 88 -7.97 3.71 -34.24
C GLU A 88 -8.56 2.55 -33.47
N LEU A 89 -7.90 2.12 -32.40
CA LEU A 89 -8.46 1.08 -31.54
C LEU A 89 -9.74 1.54 -30.85
N ALA A 90 -9.79 2.80 -30.42
CA ALA A 90 -11.00 3.29 -29.78
C ALA A 90 -12.16 3.34 -30.77
N ARG A 91 -11.91 3.82 -31.99
CA ARG A 91 -12.97 3.85 -33.00
C ARG A 91 -13.51 2.45 -33.28
N HIS A 92 -12.63 1.44 -33.28
CA HIS A 92 -13.10 0.08 -33.50
C HIS A 92 -13.89 -0.42 -32.30
N ALA A 93 -13.41 -0.13 -31.09
CA ALA A 93 -14.11 -0.58 -29.89
C ALA A 93 -15.52 0.02 -29.79
N GLU A 94 -15.70 1.23 -30.29
CA GLU A 94 -17.00 1.89 -30.33
C GLU A 94 -18.03 1.09 -31.12
N THR A 95 -17.59 0.25 -32.06
CA THR A 95 -18.49 -0.58 -32.84
C THR A 95 -18.86 -1.89 -32.16
N LEU A 96 -18.32 -2.17 -30.97
CA LEU A 96 -18.49 -3.46 -30.32
C LEU A 96 -19.47 -3.36 -29.16
N ASP A 97 -20.11 -4.49 -28.84
CA ASP A 97 -21.02 -4.58 -27.70
C ASP A 97 -20.18 -4.82 -26.45
N ILE A 98 -19.63 -3.73 -25.91
CA ILE A 98 -18.77 -3.75 -24.74
C ILE A 98 -19.28 -2.72 -23.73
N LYS A 99 -18.77 -2.82 -22.50
CA LYS A 99 -19.15 -1.86 -21.46
C LYS A 99 -18.36 -0.56 -21.58
N ALA A 100 -17.04 -0.65 -21.82
CA ALA A 100 -16.19 0.53 -21.69
C ALA A 100 -14.87 0.30 -22.41
N THR A 101 -14.17 1.40 -22.70
CA THR A 101 -12.76 1.37 -23.08
C THR A 101 -11.92 1.95 -21.95
N SER A 102 -10.60 1.86 -22.10
CA SER A 102 -9.66 2.24 -21.06
C SER A 102 -8.29 2.50 -21.67
N VAL A 103 -7.53 3.44 -21.12
CA VAL A 103 -6.14 3.63 -21.51
C VAL A 103 -5.25 3.74 -20.27
N ILE A 104 -4.07 3.11 -20.35
CA ILE A 104 -3.04 3.25 -19.34
C ILE A 104 -2.24 4.52 -19.57
N GLY A 105 -1.55 5.00 -18.54
CA GLY A 105 -0.71 6.16 -18.70
C GLY A 105 0.45 5.92 -19.64
N PRO A 106 0.67 6.81 -20.60
CA PRO A 106 1.83 6.68 -21.50
C PRO A 106 3.12 6.70 -20.70
N CYS A 107 4.01 5.75 -21.01
CA CYS A 107 5.13 5.44 -20.12
C CYS A 107 6.48 5.84 -20.68
N PHE A 108 6.54 6.43 -21.88
CA PHE A 108 7.83 6.87 -22.38
C PHE A 108 8.01 8.38 -22.22
N PHE A 109 7.28 9.16 -23.01
CA PHE A 109 7.06 10.56 -22.69
C PHE A 109 6.01 10.58 -21.60
N LYS A 110 6.45 10.73 -20.35
CA LYS A 110 5.56 10.60 -19.20
C LYS A 110 4.86 11.92 -18.92
N PRO A 111 3.54 11.98 -19.01
CA PRO A 111 2.84 13.21 -18.60
C PRO A 111 3.21 13.58 -17.17
N SER A 112 3.55 14.85 -16.95
CA SER A 112 3.94 15.32 -15.64
C SER A 112 2.99 16.35 -15.06
N HIS A 113 1.95 16.74 -15.81
CA HIS A 113 0.93 17.65 -15.32
C HIS A 113 -0.44 17.04 -15.54
N VAL A 114 -1.34 17.29 -14.58
CA VAL A 114 -2.70 16.76 -14.65
C VAL A 114 -3.34 17.05 -16.00
N ASP A 115 -3.27 18.31 -16.44
CA ASP A 115 -4.00 18.68 -17.66
C ASP A 115 -3.50 17.90 -18.87
N ASP A 116 -2.22 17.55 -18.90
CA ASP A 116 -1.69 16.84 -20.06
C ASP A 116 -2.18 15.40 -20.08
N LEU A 117 -2.25 14.75 -18.91
CA LEU A 117 -2.81 13.41 -18.86
C LEU A 117 -4.30 13.42 -19.19
N VAL A 118 -5.01 14.45 -18.71
CA VAL A 118 -6.44 14.56 -19.00
C VAL A 118 -6.70 14.68 -20.49
N GLU A 119 -5.93 15.51 -21.19
CA GLU A 119 -6.18 15.71 -22.62
C GLU A 119 -5.94 14.43 -23.40
N TYR A 120 -4.88 13.69 -23.06
CA TYR A 120 -4.66 12.39 -23.70
C TYR A 120 -5.86 11.47 -23.49
N CYS A 121 -6.36 11.38 -22.26
CA CYS A 121 -7.51 10.54 -21.97
C CYS A 121 -8.77 11.06 -22.67
N ARG A 122 -8.93 12.38 -22.72
CA ARG A 122 -10.12 12.95 -23.35
C ARG A 122 -10.23 12.53 -24.81
N LEU A 123 -9.10 12.52 -25.51
CA LEU A 123 -9.10 12.11 -26.91
C LEU A 123 -9.50 10.64 -27.07
N ALA A 124 -8.91 9.76 -26.24
CA ALA A 124 -9.25 8.35 -26.33
C ALA A 124 -10.72 8.10 -26.00
N ALA A 125 -11.23 8.76 -24.97
CA ALA A 125 -12.62 8.55 -24.58
C ALA A 125 -13.58 9.08 -25.63
N ALA A 126 -13.21 10.20 -26.29
CA ALA A 126 -14.09 10.81 -27.27
C ALA A 126 -14.15 10.02 -28.57
N SER A 127 -13.20 9.11 -28.79
CA SER A 127 -13.27 8.24 -29.95
C SER A 127 -14.09 6.97 -29.71
N ALA A 128 -14.46 6.69 -28.47
CA ALA A 128 -15.44 5.66 -28.15
C ALA A 128 -16.51 6.25 -27.24
N PRO A 129 -17.27 7.23 -27.75
CA PRO A 129 -18.07 8.06 -26.85
C PRO A 129 -19.27 7.38 -26.25
N SER A 130 -19.84 6.36 -26.91
CA SER A 130 -21.05 5.77 -26.36
C SER A 130 -20.76 4.64 -25.38
N LYS A 131 -19.48 4.37 -25.11
CA LYS A 131 -19.08 3.41 -24.09
C LYS A 131 -18.51 4.14 -22.89
N GLY A 132 -18.51 3.47 -21.74
CA GLY A 132 -17.85 4.01 -20.57
C GLY A 132 -16.36 4.14 -20.82
N PHE A 133 -15.68 4.84 -19.90
CA PHE A 133 -14.24 5.05 -20.02
C PHE A 133 -13.58 4.97 -18.65
N TYR A 134 -12.59 4.07 -18.51
CA TYR A 134 -11.79 3.95 -17.28
C TYR A 134 -10.35 4.36 -17.57
N TYR A 135 -9.81 5.29 -16.78
CA TYR A 135 -8.36 5.44 -16.80
C TYR A 135 -7.74 4.22 -16.13
N TYR A 136 -6.63 3.74 -16.67
CA TYR A 136 -5.91 2.62 -16.06
C TYR A 136 -4.68 3.23 -15.36
N HIS A 137 -4.76 3.36 -14.05
CA HIS A 137 -3.65 3.86 -13.26
C HIS A 137 -2.77 2.69 -12.86
N SER A 138 -1.53 2.68 -13.34
CA SER A 138 -0.58 1.62 -13.00
C SER A 138 0.74 2.24 -12.58
N THR A 139 1.29 1.75 -11.47
CA THR A 139 2.63 2.19 -11.09
C THR A 139 3.67 1.83 -12.15
N MET A 140 3.39 0.87 -13.02
CA MET A 140 4.32 0.53 -14.09
C MET A 140 4.53 1.68 -15.07
N SER A 141 3.58 2.62 -15.15
CA SER A 141 3.77 3.76 -16.04
C SER A 141 4.72 4.79 -15.46
N GLY A 142 4.94 4.79 -14.15
CA GLY A 142 5.93 5.68 -13.58
C GLY A 142 5.54 7.14 -13.51
N LEU A 143 4.25 7.47 -13.51
CA LEU A 143 3.80 8.85 -13.48
C LEU A 143 3.70 9.34 -12.04
N SER A 144 3.86 10.66 -11.88
CA SER A 144 3.85 11.28 -10.55
C SER A 144 2.60 12.13 -10.33
N ILE A 145 1.56 11.90 -11.11
CA ILE A 145 0.33 12.69 -11.05
C ILE A 145 -0.60 12.10 -10.00
N ASP A 146 -1.12 12.95 -9.13
CA ASP A 146 -2.04 12.48 -8.10
C ASP A 146 -3.38 12.08 -8.73
N MET A 147 -3.85 10.88 -8.40
CA MET A 147 -5.04 10.38 -9.09
C MET A 147 -6.33 11.04 -8.64
N GLU A 148 -6.40 11.56 -7.41
CA GLU A 148 -7.58 12.32 -7.03
C GLU A 148 -7.66 13.61 -7.85
N LYS A 149 -6.54 14.32 -7.95
CA LYS A 149 -6.52 15.53 -8.77
C LYS A 149 -6.85 15.21 -10.22
N PHE A 150 -6.31 14.10 -10.74
CA PHE A 150 -6.61 13.72 -12.11
C PHE A 150 -8.10 13.46 -12.29
N LEU A 151 -8.71 12.71 -11.37
CA LEU A 151 -10.10 12.35 -11.52
C LEU A 151 -11.00 13.59 -11.46
N GLN A 152 -10.68 14.53 -10.56
CA GLN A 152 -11.46 15.76 -10.47
C GLN A 152 -11.37 16.58 -11.75
N ALA A 153 -10.17 16.66 -12.34
CA ALA A 153 -10.03 17.42 -13.59
C ALA A 153 -10.65 16.69 -14.77
N ALA A 154 -10.44 15.37 -14.84
CA ALA A 154 -10.99 14.61 -15.96
C ALA A 154 -12.51 14.61 -15.94
N GLY A 155 -13.12 14.61 -14.75
CA GLY A 155 -14.56 14.62 -14.67
C GLY A 155 -15.19 15.83 -15.30
N LYS A 156 -14.46 16.93 -15.39
CA LYS A 156 -15.01 18.15 -15.97
C LYS A 156 -15.02 18.15 -17.49
N VAL A 157 -14.19 17.35 -18.15
CA VAL A 157 -14.08 17.39 -19.60
C VAL A 157 -14.36 16.06 -20.29
N ILE A 158 -14.44 14.95 -19.56
CA ILE A 158 -14.72 13.66 -20.20
C ILE A 158 -16.11 13.20 -19.80
N PRO A 159 -17.12 13.41 -20.65
CA PRO A 159 -18.49 13.17 -20.20
C PRO A 159 -18.83 11.71 -20.00
N ASN A 160 -18.09 10.79 -20.62
CA ASN A 160 -18.32 9.36 -20.42
C ASN A 160 -17.31 8.74 -19.45
N LEU A 161 -16.66 9.55 -18.62
CA LEU A 161 -15.75 9.02 -17.60
C LEU A 161 -16.51 8.15 -16.61
N SER A 162 -16.08 6.90 -16.49
CA SER A 162 -16.63 5.95 -15.53
C SER A 162 -15.82 5.85 -14.26
N GLY A 163 -14.52 6.05 -14.34
CA GLY A 163 -13.67 5.94 -13.17
C GLY A 163 -12.27 5.48 -13.56
N MET A 164 -11.71 4.59 -12.74
CA MET A 164 -10.30 4.31 -12.80
C MET A 164 -10.03 2.91 -12.30
N LYS A 165 -9.26 2.13 -13.06
CA LYS A 165 -8.69 0.88 -12.55
C LYS A 165 -7.43 1.23 -11.75
N PHE A 166 -7.36 0.79 -10.50
CA PHE A 166 -6.39 1.32 -9.55
C PHE A 166 -5.33 0.26 -9.23
N ASN A 167 -4.21 0.29 -9.96
CA ASN A 167 -3.11 -0.64 -9.76
C ASN A 167 -1.96 0.10 -9.07
N SER A 168 -2.11 0.27 -7.77
CA SER A 168 -1.15 1.00 -6.96
C SER A 168 -1.33 0.58 -5.51
N PRO A 169 -0.26 0.54 -4.72
CA PRO A 169 -0.40 0.25 -3.28
C PRO A 169 -0.81 1.45 -2.46
N ASP A 170 -1.06 2.60 -3.07
CA ASP A 170 -1.36 3.80 -2.29
C ASP A 170 -2.82 3.77 -1.89
N MET A 171 -3.09 3.18 -0.72
CA MET A 171 -4.46 3.04 -0.22
C MET A 171 -5.05 4.36 0.22
N TYR A 172 -4.21 5.34 0.55
CA TYR A 172 -4.71 6.67 0.88
C TYR A 172 -5.26 7.35 -0.36
N GLU A 173 -4.48 7.32 -1.45
CA GLU A 173 -4.94 7.83 -2.73
C GLU A 173 -6.20 7.09 -3.20
N PHE A 174 -6.22 5.76 -3.03
CA PHE A 174 -7.41 4.99 -3.38
C PHE A 174 -8.64 5.51 -2.67
N GLN A 175 -8.54 5.71 -1.36
CA GLN A 175 -9.70 6.18 -0.59
C GLN A 175 -10.12 7.57 -1.03
N ARG A 176 -9.16 8.44 -1.37
CA ARG A 176 -9.57 9.76 -1.85
C ARG A 176 -10.29 9.67 -3.18
N CYS A 177 -9.85 8.76 -4.06
CA CYS A 177 -10.51 8.65 -5.35
C CYS A 177 -11.94 8.16 -5.21
N LEU A 178 -12.19 7.23 -4.28
CA LEU A 178 -13.54 6.75 -4.04
C LEU A 178 -14.48 7.86 -3.62
N ARG A 179 -13.96 8.95 -3.07
CA ARG A 179 -14.78 10.04 -2.56
C ARG A 179 -14.99 11.18 -3.56
N VAL A 180 -14.32 11.16 -4.71
CA VAL A 180 -14.44 12.26 -5.67
C VAL A 180 -15.88 12.40 -6.15
N GLU A 181 -16.33 13.65 -6.29
CA GLU A 181 -17.68 13.95 -6.77
C GLU A 181 -18.75 13.15 -6.03
N GLY A 182 -18.65 13.12 -4.71
CA GLY A 182 -19.63 12.43 -3.89
C GLY A 182 -19.70 10.94 -4.11
N GLY A 183 -18.61 10.32 -4.55
CA GLY A 183 -18.64 8.89 -4.82
C GLY A 183 -19.15 8.51 -6.19
N LYS A 184 -19.14 9.44 -7.14
CA LYS A 184 -19.73 9.18 -8.45
C LYS A 184 -19.01 8.05 -9.19
N TYR A 185 -17.69 7.99 -9.07
CA TYR A 185 -16.91 7.19 -10.01
C TYR A 185 -16.66 5.78 -9.49
N ASP A 186 -16.37 4.90 -10.43
CA ASP A 186 -16.11 3.49 -10.19
C ASP A 186 -14.60 3.30 -10.13
N ILE A 187 -14.10 2.78 -9.00
CA ILE A 187 -12.66 2.59 -8.82
C ILE A 187 -12.36 1.11 -8.54
N PRO A 188 -12.47 0.23 -9.54
CA PRO A 188 -12.07 -1.17 -9.31
C PRO A 188 -10.63 -1.28 -8.82
N PHE A 189 -10.44 -2.14 -7.82
CA PHE A 189 -9.15 -2.24 -7.15
C PHE A 189 -8.27 -3.29 -7.82
N GLY A 190 -7.02 -2.92 -8.11
CA GLY A 190 -6.19 -3.71 -9.00
C GLY A 190 -5.06 -4.52 -8.40
N VAL A 191 -4.90 -4.58 -7.09
CA VAL A 191 -3.77 -5.28 -6.49
C VAL A 191 -4.30 -6.50 -5.74
N ASP A 192 -4.24 -7.67 -6.40
CA ASP A 192 -4.91 -8.87 -5.87
C ASP A 192 -4.44 -9.20 -4.45
N GLU A 193 -3.14 -9.16 -4.23
CA GLU A 193 -2.55 -9.59 -2.98
C GLU A 193 -2.78 -8.58 -1.85
N PHE A 194 -3.41 -7.43 -2.17
CA PHE A 194 -3.88 -6.48 -1.18
C PHE A 194 -5.38 -6.60 -0.91
N ILE A 195 -6.04 -7.65 -1.40
CA ILE A 195 -7.51 -7.62 -1.38
C ILE A 195 -8.13 -7.38 0.00
N PRO A 196 -7.58 -7.87 1.13
CA PRO A 196 -8.21 -7.50 2.42
C PRO A 196 -8.16 -6.00 2.65
N ALA A 197 -7.05 -5.36 2.26
CA ALA A 197 -6.92 -3.92 2.36
C ALA A 197 -7.92 -3.21 1.44
N GLY A 198 -8.07 -3.71 0.22
CA GLY A 198 -9.02 -3.10 -0.69
C GLY A 198 -10.44 -3.17 -0.14
N LEU A 199 -10.85 -4.34 0.34
CA LEU A 199 -12.17 -4.47 0.93
C LEU A 199 -12.35 -3.51 2.12
N ALA A 200 -11.35 -3.44 3.00
CA ALA A 200 -11.48 -2.58 4.17
C ALA A 200 -11.48 -1.11 3.81
N CYS A 201 -10.92 -0.75 2.65
CA CYS A 201 -10.88 0.63 2.21
C CYS A 201 -12.00 0.99 1.24
N GLY A 202 -12.99 0.11 1.08
CA GLY A 202 -14.19 0.45 0.37
C GLY A 202 -14.33 -0.06 -1.05
N ALA A 203 -13.46 -0.98 -1.50
CA ALA A 203 -13.58 -1.47 -2.87
C ALA A 203 -14.89 -2.21 -3.07
N LEU A 204 -15.53 -1.96 -4.22
CA LEU A 204 -16.74 -2.67 -4.63
C LEU A 204 -16.45 -3.76 -5.64
N SER A 205 -15.30 -3.71 -6.31
CA SER A 205 -14.90 -4.73 -7.25
C SER A 205 -13.38 -4.77 -7.28
N ALA A 206 -12.85 -5.87 -7.83
CA ALA A 206 -11.41 -6.03 -7.99
C ALA A 206 -11.13 -6.57 -9.38
N VAL A 207 -10.09 -6.02 -10.02
CA VAL A 207 -9.67 -6.46 -11.35
C VAL A 207 -8.26 -6.99 -11.22
N GLY A 208 -8.03 -8.21 -11.70
CA GLY A 208 -6.73 -8.81 -11.43
C GLY A 208 -6.45 -10.05 -12.25
N SER A 209 -5.16 -10.37 -12.34
CA SER A 209 -4.73 -11.52 -13.12
C SER A 209 -5.00 -12.83 -12.40
N THR A 210 -4.94 -12.86 -11.07
CA THR A 210 -5.06 -14.16 -10.44
C THR A 210 -6.49 -14.69 -10.44
N TYR A 211 -7.47 -13.84 -10.74
CA TYR A 211 -8.85 -14.33 -10.83
C TYR A 211 -9.07 -15.18 -12.08
N ASN A 212 -8.10 -15.22 -12.99
CA ASN A 212 -8.17 -16.13 -14.13
C ASN A 212 -8.15 -17.58 -13.70
N TYR A 213 -7.45 -17.89 -12.61
CA TYR A 213 -7.21 -19.28 -12.23
C TYR A 213 -7.46 -19.56 -10.76
N ALA A 214 -7.78 -18.54 -9.95
CA ALA A 214 -8.00 -18.72 -8.52
C ALA A 214 -9.24 -17.97 -8.04
N ALA A 215 -10.22 -17.72 -8.91
CA ALA A 215 -11.39 -16.95 -8.47
C ALA A 215 -12.11 -17.58 -7.29
N PRO A 216 -12.34 -18.89 -7.20
CA PRO A 216 -13.05 -19.40 -6.02
C PRO A 216 -12.36 -19.10 -4.71
N LEU A 217 -11.02 -19.11 -4.68
CA LEU A 217 -10.30 -18.74 -3.47
C LEU A 217 -10.67 -17.33 -3.02
N TYR A 218 -10.68 -16.38 -3.96
CA TYR A 218 -10.98 -15.00 -3.57
C TYR A 218 -12.46 -14.80 -3.26
N LEU A 219 -13.34 -15.53 -3.93
CA LEU A 219 -14.76 -15.46 -3.57
C LEU A 219 -14.98 -15.95 -2.15
N GLU A 220 -14.25 -16.99 -1.74
CA GLU A 220 -14.32 -17.45 -0.35
C GLU A 220 -13.76 -16.40 0.61
N LEU A 221 -12.63 -15.78 0.26
CA LEU A 221 -12.06 -14.73 1.11
C LEU A 221 -13.07 -13.60 1.33
N ILE A 222 -13.72 -13.16 0.25
CA ILE A 222 -14.69 -12.08 0.34
C ILE A 222 -15.83 -12.47 1.27
N GLU A 223 -16.33 -13.70 1.14
CA GLU A 223 -17.40 -14.14 2.02
C GLU A 223 -16.95 -14.14 3.48
N LYS A 224 -15.75 -14.67 3.76
CA LYS A 224 -15.25 -14.67 5.13
C LYS A 224 -15.11 -13.26 5.67
N PHE A 225 -14.66 -12.32 4.83
CA PHE A 225 -14.55 -10.92 5.23
C PHE A 225 -15.91 -10.36 5.61
N ASN A 226 -16.92 -10.61 4.78
CA ASN A 226 -18.25 -10.08 5.03
C ASN A 226 -18.87 -10.73 6.26
N GLN A 227 -18.50 -11.96 6.57
CA GLN A 227 -19.05 -12.70 7.69
C GLN A 227 -18.30 -12.45 9.00
N GLY A 228 -17.32 -11.55 9.00
CA GLY A 228 -16.57 -11.23 10.20
C GLY A 228 -15.60 -12.30 10.65
N ASP A 229 -15.27 -13.26 9.80
CA ASP A 229 -14.39 -14.38 10.15
C ASP A 229 -12.95 -13.98 9.80
N HIS A 230 -12.32 -13.24 10.72
CA HIS A 230 -10.99 -12.72 10.43
C HIS A 230 -9.96 -13.83 10.27
N GLN A 231 -10.13 -14.95 11.00
CA GLN A 231 -9.19 -16.06 10.82
C GLN A 231 -9.36 -16.72 9.47
N GLY A 232 -10.60 -16.79 8.97
CA GLY A 232 -10.82 -17.34 7.65
C GLY A 232 -10.20 -16.48 6.56
N VAL A 233 -10.23 -15.16 6.73
CA VAL A 233 -9.58 -14.29 5.76
C VAL A 233 -8.07 -14.54 5.74
N ALA A 234 -7.47 -14.64 6.93
CA ALA A 234 -6.04 -14.92 7.00
C ALA A 234 -5.70 -16.28 6.39
N ASP A 235 -6.53 -17.30 6.63
CA ASP A 235 -6.29 -18.61 6.05
C ASP A 235 -6.35 -18.56 4.52
N CYS A 236 -7.32 -17.81 3.98
CA CYS A 236 -7.36 -17.62 2.54
C CYS A 236 -6.11 -16.89 2.06
N MET A 237 -5.66 -15.89 2.81
CA MET A 237 -4.48 -15.15 2.39
C MET A 237 -3.20 -15.96 2.45
N ASP A 238 -3.14 -17.01 3.29
CA ASP A 238 -2.01 -17.94 3.20
C ASP A 238 -1.86 -18.47 1.77
N LYS A 239 -2.99 -18.82 1.14
CA LYS A 239 -2.98 -19.39 -0.20
C LYS A 239 -2.73 -18.33 -1.24
N VAL A 240 -3.29 -17.12 -1.05
CA VAL A 240 -3.00 -16.02 -1.97
C VAL A 240 -1.50 -15.73 -1.96
N ILE A 241 -0.91 -15.63 -0.76
CA ILE A 241 0.53 -15.37 -0.68
C ILE A 241 1.31 -16.44 -1.42
N ALA A 242 0.94 -17.71 -1.26
CA ALA A 242 1.66 -18.78 -1.95
C ALA A 242 1.62 -18.62 -3.47
N ILE A 243 0.48 -18.16 -3.99
CA ILE A 243 0.37 -17.89 -5.43
C ILE A 243 1.34 -16.78 -5.82
N ILE A 244 1.31 -15.67 -5.09
CA ILE A 244 2.11 -14.50 -5.46
C ILE A 244 3.59 -14.84 -5.45
N ARG A 245 4.01 -15.70 -4.52
CA ARG A 245 5.42 -16.09 -4.47
C ARG A 245 5.87 -16.68 -5.79
N VAL A 246 5.00 -17.46 -6.45
CA VAL A 246 5.36 -18.05 -7.73
C VAL A 246 5.47 -16.96 -8.80
N LEU A 247 4.56 -16.00 -8.78
CA LEU A 247 4.60 -14.90 -9.74
C LEU A 247 5.87 -14.07 -9.57
N VAL A 248 6.31 -13.86 -8.33
CA VAL A 248 7.52 -13.08 -8.09
C VAL A 248 8.74 -13.84 -8.59
N GLU A 249 8.77 -15.16 -8.37
CA GLU A 249 9.95 -15.95 -8.77
C GLU A 249 10.09 -16.05 -10.27
N TYR A 250 8.99 -16.23 -10.99
CA TYR A 250 9.05 -16.60 -12.40
C TYR A 250 8.51 -15.54 -13.35
N GLY A 251 7.95 -14.45 -12.84
CA GLY A 251 7.37 -13.42 -13.69
C GLY A 251 5.86 -13.52 -13.65
N GLY A 252 5.20 -12.39 -13.46
CA GLY A 252 3.74 -12.42 -13.32
C GLY A 252 3.04 -12.94 -14.55
N VAL A 253 3.36 -12.38 -15.73
CA VAL A 253 2.71 -12.85 -16.94
C VAL A 253 3.10 -14.29 -17.24
N ALA A 254 4.40 -14.60 -17.20
CA ALA A 254 4.85 -15.94 -17.57
C ALA A 254 4.27 -16.99 -16.65
N ALA A 255 4.29 -16.76 -15.33
CA ALA A 255 3.80 -17.77 -14.41
C ALA A 255 2.29 -17.84 -14.43
N GLY A 256 1.61 -16.70 -14.55
CA GLY A 256 0.17 -16.72 -14.66
C GLY A 256 -0.30 -17.47 -15.89
N LYS A 257 0.42 -17.33 -17.00
CA LYS A 257 0.05 -18.08 -18.20
C LYS A 257 0.18 -19.59 -17.96
N VAL A 258 1.27 -20.02 -17.34
CA VAL A 258 1.45 -21.43 -16.97
C VAL A 258 0.30 -21.89 -16.08
N ALA A 259 -0.15 -21.03 -15.15
CA ALA A 259 -1.21 -21.42 -14.22
C ALA A 259 -2.50 -21.79 -14.95
N MET A 260 -2.72 -21.26 -16.15
CA MET A 260 -3.95 -21.60 -16.86
C MET A 260 -4.00 -23.08 -17.22
N GLN A 261 -2.85 -23.75 -17.28
CA GLN A 261 -2.88 -25.19 -17.55
C GLN A 261 -3.49 -25.98 -16.38
N LEU A 262 -3.55 -25.39 -15.19
CA LEU A 262 -4.28 -26.01 -14.08
C LEU A 262 -5.78 -26.07 -14.33
N HIS A 263 -6.27 -25.42 -15.40
CA HIS A 263 -7.66 -25.52 -15.81
C HIS A 263 -7.77 -26.03 -17.24
N GLY A 264 -6.72 -26.66 -17.74
CA GLY A 264 -6.73 -27.28 -19.05
C GLY A 264 -6.50 -26.36 -20.22
N ILE A 265 -6.11 -25.10 -19.98
CA ILE A 265 -6.02 -24.10 -21.04
C ILE A 265 -4.55 -23.77 -21.27
N ASP A 266 -4.08 -23.97 -22.50
CA ASP A 266 -2.71 -23.63 -22.88
C ASP A 266 -2.75 -22.30 -23.62
N VAL A 267 -2.35 -21.23 -22.91
CA VAL A 267 -2.35 -19.89 -23.50
C VAL A 267 -0.98 -19.53 -24.07
N GLY A 268 -0.07 -20.50 -24.15
CA GLY A 268 1.22 -20.24 -24.73
C GLY A 268 2.14 -19.42 -23.84
N ALA A 269 3.25 -19.04 -24.42
CA ALA A 269 4.26 -18.24 -23.74
C ALA A 269 3.91 -16.77 -23.85
N PRO A 270 4.51 -15.93 -23.01
CA PRO A 270 4.44 -14.48 -23.26
C PRO A 270 5.19 -14.14 -24.54
N ARG A 271 4.87 -12.97 -25.08
CA ARG A 271 5.62 -12.46 -26.22
C ARG A 271 6.87 -11.75 -25.74
N ARG A 272 7.92 -11.83 -26.53
CA ARG A 272 9.12 -11.04 -26.30
C ARG A 272 8.71 -9.58 -26.30
N PRO A 273 9.35 -8.75 -25.46
CA PRO A 273 10.56 -8.99 -24.68
C PRO A 273 10.40 -9.77 -23.37
N LEU A 274 9.18 -10.18 -23.00
CA LEU A 274 9.06 -11.03 -21.81
C LEU A 274 9.72 -12.37 -22.08
N ARG A 275 10.34 -12.95 -21.03
CA ARG A 275 11.10 -14.20 -21.12
C ARG A 275 10.18 -15.39 -20.90
N PRO A 276 10.25 -16.41 -21.74
CA PRO A 276 9.47 -17.63 -21.51
C PRO A 276 10.13 -18.50 -20.45
N LEU A 277 9.33 -19.39 -19.87
CA LEU A 277 9.86 -20.34 -18.89
C LEU A 277 10.39 -21.58 -19.59
N THR A 278 11.50 -22.12 -19.07
CA THR A 278 11.94 -23.41 -19.55
C THR A 278 10.96 -24.50 -19.11
N ALA A 279 11.12 -25.68 -19.69
CA ALA A 279 10.25 -26.79 -19.29
C ALA A 279 10.43 -27.11 -17.81
N GLU A 280 11.67 -27.06 -17.32
CA GLU A 280 11.93 -27.30 -15.92
C GLU A 280 11.26 -26.24 -15.04
N GLN A 281 11.34 -24.97 -15.45
CA GLN A 281 10.71 -23.89 -14.68
C GLN A 281 9.19 -24.02 -14.70
N LYS A 282 8.62 -24.37 -15.85
CA LYS A 282 7.17 -24.57 -15.93
C LYS A 282 6.72 -25.67 -14.99
N ALA A 283 7.44 -26.79 -14.95
CA ALA A 283 7.05 -27.87 -14.03
C ALA A 283 7.19 -27.44 -12.57
N ASP A 284 8.24 -26.67 -12.24
CA ASP A 284 8.40 -26.20 -10.86
C ASP A 284 7.29 -25.23 -10.49
N ALA A 285 6.94 -24.33 -11.41
CA ALA A 285 5.88 -23.38 -11.12
C ALA A 285 4.54 -24.08 -10.90
N LEU A 286 4.20 -25.04 -11.77
CA LEU A 286 2.96 -25.79 -11.59
C LEU A 286 2.96 -26.54 -10.27
N ALA A 287 4.10 -27.10 -9.89
CA ALA A 287 4.17 -27.82 -8.62
C ALA A 287 3.92 -26.88 -7.45
N LYS A 288 4.51 -25.68 -7.50
CA LYS A 288 4.31 -24.71 -6.43
C LYS A 288 2.87 -24.17 -6.43
N PHE A 289 2.27 -23.98 -7.59
CA PHE A 289 0.86 -23.60 -7.61
C PHE A 289 -0.01 -24.68 -6.95
N LYS A 290 0.29 -25.96 -7.23
CA LYS A 290 -0.50 -27.02 -6.62
C LYS A 290 -0.27 -27.08 -5.12
N ALA A 291 0.97 -26.89 -4.67
CA ALA A 291 1.25 -26.89 -3.24
C ALA A 291 0.55 -25.74 -2.52
N ALA A 292 0.21 -24.67 -3.23
CA ALA A 292 -0.52 -23.57 -2.62
C ALA A 292 -1.91 -24.00 -2.16
N ASN A 293 -2.47 -25.04 -2.75
CA ASN A 293 -3.68 -25.70 -2.28
C ASN A 293 -4.91 -24.79 -2.39
N PHE A 294 -5.07 -24.15 -3.54
CA PHE A 294 -6.25 -23.34 -3.81
C PHE A 294 -7.23 -23.95 -4.81
N LEU A 295 -6.78 -24.90 -5.62
CA LEU A 295 -7.61 -25.45 -6.70
C LEU A 295 -8.83 -26.21 -6.19
N ASN B 1 3.85 -8.50 26.36
CA ASN B 1 4.57 -9.09 25.24
C ASN B 1 4.45 -8.23 23.98
N LYS B 2 3.52 -8.55 23.08
CA LYS B 2 3.34 -7.72 21.89
C LYS B 2 2.61 -6.42 22.24
N LEU B 3 2.90 -5.37 21.48
CA LEU B 3 2.19 -4.11 21.64
C LEU B 3 0.71 -4.28 21.31
N SER B 4 -0.11 -3.37 21.83
CA SER B 4 -1.52 -3.35 21.46
C SER B 4 -1.98 -1.91 21.36
N GLY B 5 -3.07 -1.71 20.62
CA GLY B 5 -3.66 -0.39 20.58
C GLY B 5 -2.84 0.61 19.78
N LEU B 6 -2.91 1.86 20.22
CA LEU B 6 -2.23 2.98 19.56
C LEU B 6 -0.95 3.33 20.30
N ILE B 7 0.15 3.38 19.56
CA ILE B 7 1.45 3.81 20.05
C ILE B 7 1.78 5.13 19.37
N ALA B 8 1.88 6.21 20.15
CA ALA B 8 2.21 7.49 19.53
C ALA B 8 3.71 7.53 19.24
N ALA B 9 4.08 8.22 18.17
CA ALA B 9 5.46 8.58 17.94
C ALA B 9 5.61 10.05 18.31
N PRO B 10 5.99 10.38 19.53
CA PRO B 10 5.89 11.78 19.97
C PRO B 10 6.96 12.66 19.35
N HIS B 11 6.63 13.95 19.33
CA HIS B 11 7.58 14.97 18.92
C HIS B 11 8.63 15.19 19.99
N THR B 12 9.75 15.76 19.58
CA THR B 12 10.69 16.32 20.55
C THR B 12 10.50 17.83 20.59
N PRO B 13 10.14 18.39 21.74
CA PRO B 13 9.82 19.82 21.80
C PRO B 13 11.08 20.66 21.84
N PHE B 14 11.11 21.72 21.03
CA PHE B 14 12.24 22.64 20.99
C PHE B 14 11.77 24.02 21.42
N ALA B 15 12.64 24.71 22.15
CA ALA B 15 12.39 26.09 22.55
C ALA B 15 12.63 27.02 21.35
N ALA B 16 12.41 28.32 21.58
CA ALA B 16 12.52 29.30 20.50
C ALA B 16 13.88 29.24 19.83
N ASP B 17 14.94 29.02 20.60
CA ASP B 17 16.30 28.99 20.08
C ASP B 17 16.71 27.63 19.52
N GLY B 18 15.80 26.67 19.48
CA GLY B 18 16.11 25.36 18.97
C GLY B 18 16.62 24.37 20.00
N SER B 19 16.86 24.80 21.24
CA SER B 19 17.28 23.87 22.28
C SER B 19 16.12 22.97 22.71
N VAL B 20 16.45 21.81 23.28
CA VAL B 20 15.40 20.89 23.72
C VAL B 20 14.68 21.47 24.93
N ASN B 21 13.35 21.48 24.87
CA ASN B 21 12.51 22.04 25.92
C ASN B 21 11.99 20.89 26.79
N TYR B 22 12.87 20.40 27.66
CA TYR B 22 12.58 19.12 28.34
C TYR B 22 11.26 19.11 29.10
N PRO B 23 10.84 20.15 29.83
CA PRO B 23 9.58 20.03 30.59
C PRO B 23 8.35 19.77 29.73
N VAL B 24 8.36 20.15 28.46
CA VAL B 24 7.20 19.92 27.62
C VAL B 24 7.01 18.43 27.34
N ILE B 25 8.06 17.63 27.50
CA ILE B 25 7.89 16.17 27.40
C ILE B 25 6.90 15.69 28.46
N ASP B 26 6.95 16.26 29.68
CA ASP B 26 5.95 15.93 30.70
C ASP B 26 4.54 16.19 30.18
N ASP B 27 4.33 17.32 29.50
CA ASP B 27 3.00 17.65 28.98
C ASP B 27 2.56 16.63 27.94
N ILE B 28 3.44 16.26 27.02
CA ILE B 28 3.06 15.32 25.97
C ILE B 28 2.70 13.98 26.59
N ALA B 29 3.55 13.50 27.51
CA ALA B 29 3.30 12.20 28.12
C ALA B 29 1.98 12.18 28.87
N LYS B 30 1.67 13.23 29.64
CA LYS B 30 0.39 13.27 30.34
C LYS B 30 -0.78 13.22 29.37
N HIS B 31 -0.66 13.92 28.25
CA HIS B 31 -1.72 13.90 27.25
C HIS B 31 -1.88 12.51 26.63
N LEU B 32 -0.77 11.85 26.30
CA LEU B 32 -0.86 10.51 25.71
C LEU B 32 -1.57 9.56 26.66
N ILE B 33 -1.16 9.57 27.93
CA ILE B 33 -1.78 8.67 28.91
C ILE B 33 -3.27 8.97 29.04
N ALA B 34 -3.63 10.25 29.07
CA ALA B 34 -5.04 10.63 29.25
C ALA B 34 -5.91 10.15 28.09
N THR B 35 -5.37 10.08 26.89
CA THR B 35 -6.19 9.77 25.73
C THR B 35 -6.22 8.29 25.36
N GLY B 36 -5.60 7.42 26.15
CA GLY B 36 -5.71 5.99 25.90
C GLY B 36 -4.62 5.40 25.04
N VAL B 37 -3.63 6.20 24.64
CA VAL B 37 -2.46 5.66 23.96
C VAL B 37 -1.69 4.75 24.91
N THR B 38 -1.20 3.61 24.40
CA THR B 38 -0.58 2.59 25.26
C THR B 38 0.94 2.66 25.28
N GLY B 39 1.56 3.41 24.37
CA GLY B 39 3.01 3.45 24.33
C GLY B 39 3.51 4.63 23.54
N ALA B 40 4.82 4.82 23.56
CA ALA B 40 5.49 5.90 22.85
C ALA B 40 6.73 5.35 22.16
N TYR B 41 6.84 5.63 20.86
CA TYR B 41 8.03 5.31 20.06
C TYR B 41 8.86 6.59 19.99
N VAL B 42 9.95 6.63 20.76
CA VAL B 42 10.63 7.87 21.11
C VAL B 42 11.86 8.09 20.24
N LEU B 43 12.04 9.33 19.77
CA LEU B 43 13.21 9.75 19.00
C LEU B 43 13.30 9.05 17.65
N GLY B 44 12.16 8.69 17.08
CA GLY B 44 12.08 8.21 15.72
C GLY B 44 12.05 9.38 14.76
N THR B 45 11.36 9.19 13.63
CA THR B 45 11.28 10.24 12.61
C THR B 45 10.46 11.42 13.12
N THR B 46 9.26 11.16 13.64
CA THR B 46 8.42 12.22 14.16
C THR B 46 9.09 12.94 15.33
N GLY B 47 9.81 12.20 16.18
CA GLY B 47 10.56 12.78 17.27
C GLY B 47 11.87 13.42 16.87
N GLU B 48 12.18 13.44 15.57
CA GLU B 48 13.39 14.10 15.05
C GLU B 48 14.63 13.61 15.79
N GLY B 49 14.69 12.32 16.08
CA GLY B 49 15.81 11.80 16.84
C GLY B 49 17.14 12.09 16.18
N ILE B 50 17.21 11.88 14.86
CA ILE B 50 18.45 12.14 14.13
C ILE B 50 18.77 13.62 14.04
N HIS B 51 17.89 14.50 14.50
CA HIS B 51 18.25 15.91 14.58
C HIS B 51 18.88 16.29 15.90
N CYS B 52 18.91 15.39 16.86
CA CYS B 52 19.43 15.65 18.19
C CYS B 52 20.82 15.05 18.35
N SER B 53 21.64 15.68 19.19
CA SER B 53 22.95 15.12 19.51
C SER B 53 22.79 13.88 20.38
N VAL B 54 23.89 13.13 20.51
CA VAL B 54 23.87 11.95 21.39
C VAL B 54 23.47 12.36 22.81
N GLU B 55 24.06 13.45 23.33
CA GLU B 55 23.72 13.82 24.70
C GLU B 55 22.28 14.28 24.82
N GLU B 56 21.77 15.00 23.81
CA GLU B 56 20.36 15.36 23.84
C GLU B 56 19.47 14.12 23.84
N ARG B 57 19.79 13.14 22.99
CA ARG B 57 18.95 11.95 22.90
C ARG B 57 18.94 11.17 24.22
N LYS B 58 20.08 11.10 24.91
CA LYS B 58 20.11 10.45 26.22
C LYS B 58 19.16 11.15 27.18
N LYS B 59 19.26 12.47 27.26
CA LYS B 59 18.41 13.22 28.19
C LYS B 59 16.93 13.15 27.81
N VAL B 60 16.62 13.13 26.50
CA VAL B 60 15.22 13.02 26.08
C VAL B 60 14.66 11.66 26.53
N ALA B 61 15.44 10.60 26.31
CA ALA B 61 14.95 9.27 26.71
C ALA B 61 14.74 9.19 28.21
N GLU B 62 15.68 9.76 28.99
CA GLU B 62 15.51 9.81 30.45
C GLU B 62 14.25 10.55 30.84
N ARG B 63 13.96 11.68 30.18
CA ARG B 63 12.77 12.45 30.52
C ARG B 63 11.50 11.68 30.21
N TRP B 64 11.50 10.89 29.13
CA TRP B 64 10.31 10.10 28.84
C TRP B 64 10.05 9.05 29.92
N VAL B 65 11.11 8.44 30.45
CA VAL B 65 10.92 7.47 31.54
C VAL B 65 10.27 8.15 32.74
N THR B 66 10.85 9.28 33.17
CA THR B 66 10.32 9.97 34.34
C THR B 66 8.91 10.48 34.10
N ALA B 67 8.67 11.07 32.93
CA ALA B 67 7.37 11.67 32.64
C ALA B 67 6.25 10.63 32.53
N SER B 68 6.55 9.42 32.10
CA SER B 68 5.50 8.46 31.79
C SER B 68 5.07 7.64 33.00
N GLN B 69 5.88 7.60 34.05
CA GLN B 69 5.51 7.00 35.33
C GLN B 69 4.98 5.57 35.16
N GLY B 70 5.65 4.81 34.28
CA GLY B 70 5.31 3.43 34.07
C GLY B 70 4.00 3.16 33.35
N GLN B 71 3.37 4.19 32.80
CA GLN B 71 2.05 4.04 32.18
C GLN B 71 2.11 3.91 30.67
N LEU B 72 3.30 3.97 30.07
CA LEU B 72 3.45 3.83 28.63
C LEU B 72 4.54 2.79 28.31
N ASP B 73 4.26 1.90 27.35
CA ASP B 73 5.32 1.09 26.75
C ASP B 73 6.29 2.01 26.01
N LEU B 74 7.56 2.02 26.42
CA LEU B 74 8.53 2.94 25.84
C LEU B 74 9.48 2.17 24.93
N ILE B 75 9.59 2.60 23.68
CA ILE B 75 10.56 2.07 22.73
C ILE B 75 11.46 3.23 22.32
N ILE B 76 12.77 3.09 22.54
CA ILE B 76 13.73 4.16 22.26
C ILE B 76 14.42 3.89 20.94
N HIS B 77 14.24 4.78 19.97
CA HIS B 77 14.99 4.66 18.71
C HIS B 77 16.42 5.17 18.93
N THR B 78 17.39 4.27 18.75
CA THR B 78 18.80 4.55 18.96
C THR B 78 19.58 4.69 17.65
N GLY B 79 18.90 4.66 16.51
CA GLY B 79 19.61 4.63 15.24
C GLY B 79 20.26 5.96 14.90
N ALA B 80 21.41 5.86 14.25
CA ALA B 80 22.20 7.00 13.82
C ALA B 80 23.11 6.52 12.69
N LEU B 81 23.60 7.47 11.88
CA LEU B 81 24.49 7.05 10.81
C LEU B 81 25.81 6.49 11.35
N SER B 82 26.25 6.95 12.53
CA SER B 82 27.49 6.47 13.13
C SER B 82 27.20 5.31 14.08
N ILE B 83 27.84 4.17 13.82
CA ILE B 83 27.69 3.02 14.72
C ILE B 83 28.22 3.37 16.11
N ALA B 84 29.20 4.28 16.21
CA ALA B 84 29.66 4.71 17.52
C ALA B 84 28.55 5.40 18.30
N ASP B 85 27.84 6.33 17.65
CA ASP B 85 26.69 6.97 18.28
C ASP B 85 25.60 5.96 18.63
N THR B 86 25.29 5.05 17.69
CA THR B 86 24.21 4.09 17.91
C THR B 86 24.50 3.21 19.12
N LEU B 87 25.73 2.70 19.22
CA LEU B 87 26.04 1.83 20.35
C LEU B 87 26.12 2.60 21.67
N GLU B 88 26.58 3.86 21.64
CA GLU B 88 26.54 4.65 22.86
CA GLU B 88 26.55 4.66 22.85
C GLU B 88 25.10 4.88 23.32
N LEU B 89 24.20 5.18 22.38
CA LEU B 89 22.79 5.36 22.72
C LEU B 89 22.16 4.07 23.21
N ALA B 90 22.52 2.93 22.60
CA ALA B 90 21.99 1.64 23.04
C ALA B 90 22.49 1.29 24.44
N ARG B 91 23.77 1.50 24.71
CA ARG B 91 24.28 1.24 26.06
C ARG B 91 23.56 2.09 27.09
N HIS B 92 23.22 3.33 26.75
CA HIS B 92 22.49 4.16 27.69
C HIS B 92 21.05 3.68 27.85
N ALA B 93 20.40 3.32 26.73
CA ALA B 93 19.03 2.83 26.82
C ALA B 93 18.95 1.57 27.69
N GLU B 94 19.99 0.74 27.67
CA GLU B 94 20.02 -0.48 28.47
C GLU B 94 19.93 -0.18 29.97
N THR B 95 20.29 1.04 30.41
CA THR B 95 20.19 1.42 31.82
C THR B 95 18.81 1.93 32.20
N LEU B 96 17.87 2.04 31.25
CA LEU B 96 16.59 2.68 31.46
C LEU B 96 15.46 1.67 31.60
N ASP B 97 14.41 2.05 32.33
CA ASP B 97 13.21 1.23 32.45
C ASP B 97 12.35 1.46 31.22
N ILE B 98 12.68 0.73 30.15
CA ILE B 98 12.02 0.82 28.84
C ILE B 98 11.70 -0.59 28.35
N LYS B 99 10.82 -0.65 27.33
CA LYS B 99 10.45 -1.94 26.77
C LYS B 99 11.47 -2.44 25.77
N ALA B 100 11.97 -1.55 24.90
CA ALA B 100 12.77 -1.99 23.76
C ALA B 100 13.56 -0.82 23.18
N THR B 101 14.60 -1.16 22.42
CA THR B 101 15.29 -0.21 21.54
C THR B 101 14.96 -0.52 20.09
N SER B 102 15.40 0.35 19.19
CA SER B 102 15.06 0.20 17.78
C SER B 102 16.05 1.00 16.94
N VAL B 103 16.34 0.51 15.72
CA VAL B 103 17.13 1.30 14.76
C VAL B 103 16.45 1.29 13.41
N ILE B 104 16.49 2.44 12.75
CA ILE B 104 16.05 2.57 11.36
C ILE B 104 17.19 2.17 10.42
N GLY B 105 16.84 1.83 9.19
CA GLY B 105 17.84 1.47 8.21
C GLY B 105 18.73 2.65 7.87
N PRO B 106 20.06 2.45 7.91
CA PRO B 106 20.99 3.51 7.51
C PRO B 106 20.72 3.96 6.09
N CYS B 107 20.65 5.27 5.89
CA CYS B 107 20.12 5.83 4.65
C CYS B 107 21.16 6.48 3.75
N PHE B 108 22.44 6.45 4.12
CA PHE B 108 23.44 7.05 3.23
C PHE B 108 24.20 5.96 2.49
N PHE B 109 25.08 5.24 3.19
CA PHE B 109 25.55 3.95 2.70
C PHE B 109 24.41 2.96 2.93
N LYS B 110 23.64 2.70 1.89
CA LYS B 110 22.42 1.89 2.02
C LYS B 110 22.77 0.40 1.99
N PRO B 111 22.52 -0.36 3.06
CA PRO B 111 22.70 -1.81 2.97
C PRO B 111 21.88 -2.38 1.82
N SER B 112 22.52 -3.24 1.03
CA SER B 112 21.88 -3.82 -0.14
C SER B 112 21.76 -5.34 -0.05
N HIS B 113 22.29 -5.95 1.00
CA HIS B 113 22.15 -7.38 1.20
C HIS B 113 21.59 -7.64 2.59
N VAL B 114 20.73 -8.67 2.68
CA VAL B 114 20.12 -9.05 3.95
C VAL B 114 21.16 -9.13 5.06
N ASP B 115 22.24 -9.88 4.83
CA ASP B 115 23.17 -10.14 5.91
C ASP B 115 23.83 -8.84 6.41
N ASP B 116 23.98 -7.86 5.52
CA ASP B 116 24.60 -6.61 5.94
C ASP B 116 23.69 -5.82 6.86
N LEU B 117 22.39 -5.79 6.55
CA LEU B 117 21.45 -5.10 7.43
C LEU B 117 21.30 -5.86 8.74
N VAL B 118 21.32 -7.19 8.69
CA VAL B 118 21.23 -8.00 9.90
C VAL B 118 22.39 -7.71 10.84
N GLU B 119 23.61 -7.63 10.30
CA GLU B 119 24.76 -7.42 11.18
C GLU B 119 24.71 -6.05 11.84
N TYR B 120 24.32 -5.01 11.10
CA TYR B 120 24.15 -3.70 11.72
C TYR B 120 23.16 -3.77 12.89
N CYS B 121 21.99 -4.37 12.65
CA CYS B 121 20.99 -4.49 13.72
C CYS B 121 21.51 -5.34 14.87
N ARG B 122 22.27 -6.39 14.56
CA ARG B 122 22.78 -7.29 15.60
C ARG B 122 23.65 -6.54 16.59
N LEU B 123 24.52 -5.66 16.09
CA LEU B 123 25.37 -4.86 16.96
C LEU B 123 24.53 -3.96 17.86
N ALA B 124 23.53 -3.30 17.27
CA ALA B 124 22.70 -2.37 18.04
C ALA B 124 21.89 -3.09 19.11
N ALA B 125 21.34 -4.26 18.76
CA ALA B 125 20.56 -5.02 19.73
C ALA B 125 21.44 -5.58 20.83
N ALA B 126 22.68 -5.95 20.51
CA ALA B 126 23.55 -6.57 21.50
C ALA B 126 24.09 -5.58 22.52
N SER B 127 23.98 -4.28 22.25
CA SER B 127 24.38 -3.28 23.23
C SER B 127 23.25 -2.90 24.18
N ALA B 128 22.03 -3.38 23.92
CA ALA B 128 20.92 -3.24 24.86
C ALA B 128 20.26 -4.61 25.00
N PRO B 129 21.00 -5.59 25.53
CA PRO B 129 20.57 -6.99 25.40
C PRO B 129 19.35 -7.34 26.23
N SER B 130 19.10 -6.67 27.36
CA SER B 130 17.99 -7.07 28.21
C SER B 130 16.69 -6.38 27.83
N LYS B 131 16.69 -5.54 26.80
CA LYS B 131 15.49 -4.93 26.27
C LYS B 131 15.10 -5.59 24.97
N GLY B 132 13.83 -5.47 24.59
CA GLY B 132 13.42 -5.93 23.27
C GLY B 132 14.09 -5.12 22.20
N PHE B 133 13.95 -5.57 20.95
CA PHE B 133 14.56 -4.87 19.81
C PHE B 133 13.63 -4.90 18.61
N TYR B 134 13.30 -3.73 18.10
CA TYR B 134 12.48 -3.60 16.89
C TYR B 134 13.31 -2.99 15.77
N TYR B 135 13.36 -3.64 14.61
CA TYR B 135 13.86 -2.94 13.44
C TYR B 135 12.82 -1.93 12.99
N TYR B 136 13.27 -0.74 12.60
CA TYR B 136 12.37 0.27 12.07
C TYR B 136 12.51 0.26 10.54
N HIS B 137 11.55 -0.36 9.88
CA HIS B 137 11.51 -0.37 8.42
C HIS B 137 10.77 0.86 7.91
N SER B 138 11.47 1.73 7.19
CA SER B 138 10.88 2.95 6.66
C SER B 138 11.27 3.10 5.20
N THR B 139 10.29 3.41 4.34
CA THR B 139 10.63 3.70 2.95
C THR B 139 11.51 4.94 2.82
N MET B 140 11.54 5.81 3.83
CA MET B 140 12.45 6.95 3.81
C MET B 140 13.92 6.53 3.75
N SER B 141 14.26 5.34 4.23
CA SER B 141 15.64 4.88 4.15
C SER B 141 16.03 4.42 2.75
N GLY B 142 15.06 4.08 1.90
CA GLY B 142 15.36 3.76 0.52
C GLY B 142 16.07 2.43 0.31
N LEU B 143 15.90 1.47 1.21
CA LEU B 143 16.55 0.18 1.06
C LEU B 143 15.66 -0.75 0.21
N SER B 144 16.29 -1.68 -0.48
CA SER B 144 15.59 -2.62 -1.34
C SER B 144 15.60 -4.04 -0.79
N ILE B 145 15.78 -4.20 0.52
CA ILE B 145 15.87 -5.51 1.16
C ILE B 145 14.48 -5.96 1.54
N ASP B 146 14.13 -7.20 1.20
CA ASP B 146 12.82 -7.70 1.56
C ASP B 146 12.74 -7.95 3.06
N MET B 147 11.67 -7.45 3.69
CA MET B 147 11.58 -7.50 5.14
C MET B 147 11.26 -8.89 5.68
N GLU B 148 10.60 -9.76 4.90
CA GLU B 148 10.40 -11.12 5.36
C GLU B 148 11.75 -11.85 5.42
N LYS B 149 12.55 -11.73 4.36
CA LYS B 149 13.89 -12.34 4.37
C LYS B 149 14.74 -11.76 5.48
N PHE B 150 14.66 -10.44 5.70
CA PHE B 150 15.42 -9.84 6.78
C PHE B 150 15.02 -10.44 8.12
N LEU B 151 13.71 -10.55 8.36
CA LEU B 151 13.24 -11.00 9.67
C LEU B 151 13.63 -12.45 9.90
N GLN B 152 13.56 -13.28 8.86
CA GLN B 152 13.97 -14.67 8.99
C GLN B 152 15.44 -14.78 9.33
N ALA B 153 16.29 -13.99 8.67
CA ALA B 153 17.72 -14.04 8.93
C ALA B 153 18.06 -13.43 10.28
N ALA B 154 17.42 -12.30 10.61
CA ALA B 154 17.70 -11.64 11.87
C ALA B 154 17.30 -12.50 13.06
N GLY B 155 16.21 -13.26 12.92
CA GLY B 155 15.76 -14.09 14.02
C GLY B 155 16.77 -15.13 14.45
N LYS B 156 17.63 -15.56 13.52
CA LYS B 156 18.63 -16.57 13.84
C LYS B 156 19.80 -16.05 14.64
N VAL B 157 20.07 -14.73 14.63
CA VAL B 157 21.29 -14.24 15.28
C VAL B 157 21.04 -13.12 16.28
N ILE B 158 19.80 -12.63 16.35
CA ILE B 158 19.47 -11.58 17.32
C ILE B 158 18.50 -12.14 18.35
N PRO B 159 18.98 -12.58 19.52
CA PRO B 159 18.10 -13.32 20.44
C PRO B 159 17.04 -12.47 21.10
N ASN B 160 17.22 -11.15 21.19
CA ASN B 160 16.21 -10.27 21.75
C ASN B 160 15.36 -9.58 20.67
N LEU B 161 15.36 -10.11 19.44
CA LEU B 161 14.53 -9.55 18.39
C LEU B 161 13.06 -9.65 18.76
N SER B 162 12.38 -8.50 18.78
CA SER B 162 10.95 -8.43 19.04
C SER B 162 10.13 -8.36 17.76
N GLY B 163 10.65 -7.73 16.72
CA GLY B 163 9.90 -7.59 15.49
C GLY B 163 10.33 -6.33 14.74
N MET B 164 9.34 -5.64 14.20
CA MET B 164 9.62 -4.60 13.22
C MET B 164 8.49 -3.57 13.24
N LYS B 165 8.85 -2.27 13.31
CA LYS B 165 7.91 -1.20 13.04
C LYS B 165 7.83 -1.02 11.52
N PHE B 166 6.61 -1.07 10.95
CA PHE B 166 6.44 -1.25 9.50
C PHE B 166 5.88 0.04 8.89
N ASN B 167 6.78 0.87 8.34
CA ASN B 167 6.41 2.13 7.69
C ASN B 167 6.63 1.98 6.19
N SER B 168 5.69 1.31 5.55
CA SER B 168 5.74 1.02 4.12
C SER B 168 4.33 0.72 3.65
N PRO B 169 4.00 1.08 2.41
CA PRO B 169 2.67 0.73 1.85
C PRO B 169 2.57 -0.69 1.34
N ASP B 170 3.62 -1.51 1.48
CA ASP B 170 3.61 -2.84 0.88
C ASP B 170 2.88 -3.79 1.82
N MET B 171 1.56 -3.88 1.65
CA MET B 171 0.73 -4.73 2.50
C MET B 171 0.98 -6.21 2.26
N TYR B 172 1.50 -6.58 1.10
CA TYR B 172 1.86 -7.98 0.85
C TYR B 172 3.06 -8.38 1.71
N GLU B 173 4.10 -7.54 1.71
CA GLU B 173 5.26 -7.73 2.57
C GLU B 173 4.84 -7.74 4.04
N PHE B 174 3.96 -6.81 4.43
CA PHE B 174 3.48 -6.77 5.80
C PHE B 174 2.87 -8.10 6.21
N GLN B 175 2.00 -8.65 5.35
CA GLN B 175 1.35 -9.91 5.69
C GLN B 175 2.36 -11.05 5.78
N ARG B 176 3.38 -11.05 4.92
CA ARG B 176 4.42 -12.08 5.01
C ARG B 176 5.20 -11.96 6.32
N CYS B 177 5.50 -10.73 6.75
CA CYS B 177 6.25 -10.56 7.99
C CYS B 177 5.46 -11.04 9.19
N LEU B 178 4.15 -10.80 9.21
CA LEU B 178 3.33 -11.28 10.30
C LEU B 178 3.38 -12.79 10.43
N ARG B 179 3.69 -13.51 9.35
CA ARG B 179 3.67 -14.97 9.37
C ARG B 179 5.03 -15.60 9.68
N VAL B 180 6.12 -14.82 9.73
CA VAL B 180 7.44 -15.39 9.97
C VAL B 180 7.48 -16.13 11.30
N GLU B 181 8.16 -17.29 11.31
CA GLU B 181 8.34 -18.10 12.53
C GLU B 181 7.01 -18.33 13.24
N GLY B 182 6.00 -18.71 12.46
CA GLY B 182 4.71 -19.04 13.03
C GLY B 182 4.02 -17.89 13.73
N GLY B 183 4.32 -16.65 13.33
CA GLY B 183 3.72 -15.50 13.97
C GLY B 183 4.41 -15.04 15.23
N LYS B 184 5.68 -15.38 15.41
CA LYS B 184 6.39 -15.04 16.63
C LYS B 184 6.51 -13.53 16.83
N TYR B 185 6.76 -12.79 15.75
CA TYR B 185 7.25 -11.43 15.92
C TYR B 185 6.12 -10.42 15.97
N ASP B 186 6.45 -9.25 16.53
CA ASP B 186 5.53 -8.14 16.68
C ASP B 186 5.78 -7.17 15.54
N ILE B 187 4.75 -6.89 14.75
CA ILE B 187 4.89 -6.01 13.59
C ILE B 187 3.92 -4.83 13.72
N PRO B 188 4.17 -3.88 14.62
CA PRO B 188 3.29 -2.70 14.69
C PRO B 188 3.25 -1.96 13.36
N PHE B 189 2.06 -1.52 12.99
CA PHE B 189 1.83 -0.93 11.67
C PHE B 189 2.00 0.59 11.71
N GLY B 190 2.81 1.12 10.81
CA GLY B 190 3.23 2.51 10.91
C GLY B 190 2.60 3.53 9.98
N VAL B 191 1.67 3.14 9.10
CA VAL B 191 1.12 4.09 8.13
C VAL B 191 -0.30 4.50 8.54
N ASP B 192 -0.41 5.64 9.25
CA ASP B 192 -1.67 6.03 9.88
C ASP B 192 -2.80 6.06 8.87
N GLU B 193 -2.55 6.67 7.71
CA GLU B 193 -3.58 6.88 6.69
C GLU B 193 -3.97 5.58 6.00
N PHE B 194 -3.26 4.48 6.27
CA PHE B 194 -3.65 3.15 5.79
C PHE B 194 -4.31 2.30 6.87
N ILE B 195 -4.69 2.87 8.02
CA ILE B 195 -5.03 2.01 9.16
C ILE B 195 -6.14 1.00 8.86
N PRO B 196 -7.17 1.26 8.03
CA PRO B 196 -8.12 0.17 7.74
C PRO B 196 -7.46 -0.98 7.02
N ALA B 197 -6.50 -0.67 6.14
CA ALA B 197 -5.74 -1.70 5.44
C ALA B 197 -4.89 -2.50 6.41
N GLY B 198 -4.19 -1.81 7.32
CA GLY B 198 -3.37 -2.53 8.28
C GLY B 198 -4.19 -3.46 9.16
N LEU B 199 -5.31 -2.97 9.68
CA LEU B 199 -6.17 -3.80 10.50
C LEU B 199 -6.67 -5.01 9.73
N ALA B 200 -7.12 -4.80 8.49
CA ALA B 200 -7.64 -5.91 7.69
C ALA B 200 -6.56 -6.92 7.37
N CYS B 201 -5.30 -6.49 7.34
CA CYS B 201 -4.18 -7.37 7.02
C CYS B 201 -3.54 -7.96 8.27
N GLY B 202 -4.15 -7.80 9.44
CA GLY B 202 -3.71 -8.47 10.64
C GLY B 202 -3.02 -7.63 11.70
N ALA B 203 -2.96 -6.31 11.54
CA ALA B 203 -2.25 -5.51 12.54
C ALA B 203 -2.88 -5.65 13.93
N LEU B 204 -2.03 -5.78 14.94
CA LEU B 204 -2.45 -5.79 16.34
C LEU B 204 -2.22 -4.46 17.05
N SER B 205 -1.38 -3.60 16.48
CA SER B 205 -1.12 -2.28 17.03
C SER B 205 -0.71 -1.37 15.88
N ALA B 206 -0.83 -0.07 16.13
CA ALA B 206 -0.42 0.94 15.16
C ALA B 206 0.46 1.95 15.85
N VAL B 207 1.53 2.36 15.18
CA VAL B 207 2.44 3.37 15.72
C VAL B 207 2.49 4.53 14.74
N GLY B 208 2.29 5.74 15.24
CA GLY B 208 2.14 6.85 14.31
C GLY B 208 2.14 8.20 14.97
N SER B 209 2.35 9.21 14.13
CA SER B 209 2.40 10.59 14.58
C SER B 209 1.03 11.18 14.87
N THR B 210 0.01 10.76 14.12
CA THR B 210 -1.27 11.43 14.32
C THR B 210 -1.95 11.01 15.60
N TYR B 211 -1.48 9.92 16.23
CA TYR B 211 -2.06 9.51 17.52
C TYR B 211 -1.63 10.43 18.65
N ASN B 212 -0.69 11.36 18.40
CA ASN B 212 -0.36 12.40 19.36
C ASN B 212 -1.51 13.35 19.60
N TYR B 213 -2.37 13.56 18.60
CA TYR B 213 -3.39 14.59 18.70
C TYR B 213 -4.78 14.17 18.22
N ALA B 214 -4.92 12.99 17.62
CA ALA B 214 -6.21 12.51 17.16
C ALA B 214 -6.49 11.08 17.62
N ALA B 215 -5.97 10.68 18.78
CA ALA B 215 -6.15 9.30 19.22
C ALA B 215 -7.63 8.91 19.36
N PRO B 216 -8.52 9.72 19.93
CA PRO B 216 -9.92 9.28 20.03
C PRO B 216 -10.55 8.94 18.69
N LEU B 217 -10.24 9.71 17.64
CA LEU B 217 -10.74 9.38 16.31
C LEU B 217 -10.32 7.98 15.90
N TYR B 218 -9.05 7.63 16.11
CA TYR B 218 -8.60 6.32 15.66
C TYR B 218 -9.09 5.20 16.58
N LEU B 219 -9.26 5.50 17.88
CA LEU B 219 -9.86 4.51 18.76
C LEU B 219 -11.28 4.19 18.32
N GLU B 220 -12.04 5.20 17.88
CA GLU B 220 -13.38 4.94 17.34
C GLU B 220 -13.31 4.14 16.05
N LEU B 221 -12.36 4.48 15.17
CA LEU B 221 -12.23 3.74 13.93
C LEU B 221 -11.94 2.27 14.21
N ILE B 222 -11.07 1.99 15.18
CA ILE B 222 -10.73 0.61 15.51
C ILE B 222 -11.96 -0.13 16.04
N GLU B 223 -12.74 0.54 16.88
CA GLU B 223 -13.98 -0.05 17.39
C GLU B 223 -14.93 -0.41 16.24
N LYS B 224 -15.14 0.53 15.30
CA LYS B 224 -16.02 0.25 14.16
C LYS B 224 -15.48 -0.88 13.31
N PHE B 225 -14.15 -0.91 13.10
CA PHE B 225 -13.59 -1.99 12.29
C PHE B 225 -13.81 -3.34 12.97
N ASN B 226 -13.55 -3.41 14.27
CA ASN B 226 -13.72 -4.68 14.98
C ASN B 226 -15.17 -5.11 14.98
N GLN B 227 -16.11 -4.17 14.88
CA GLN B 227 -17.53 -4.52 14.79
C GLN B 227 -17.95 -4.88 13.37
N GLY B 228 -17.07 -4.74 12.39
CA GLY B 228 -17.49 -4.96 11.02
C GLY B 228 -18.38 -3.87 10.47
N ASP B 229 -18.34 -2.68 11.07
CA ASP B 229 -19.20 -1.57 10.67
C ASP B 229 -18.45 -0.79 9.59
N HIS B 230 -18.61 -1.25 8.34
CA HIS B 230 -17.81 -0.74 7.24
C HIS B 230 -18.08 0.74 6.99
N GLN B 231 -19.35 1.16 7.09
CA GLN B 231 -19.65 2.58 6.91
C GLN B 231 -19.05 3.41 8.03
N GLY B 232 -19.06 2.87 9.26
CA GLY B 232 -18.46 3.60 10.37
C GLY B 232 -16.98 3.85 10.15
N VAL B 233 -16.26 2.85 9.64
CA VAL B 233 -14.83 3.03 9.35
C VAL B 233 -14.64 4.10 8.29
N ALA B 234 -15.45 4.07 7.23
CA ALA B 234 -15.32 5.07 6.17
C ALA B 234 -15.60 6.47 6.71
N ASP B 235 -16.61 6.60 7.57
CA ASP B 235 -16.92 7.91 8.15
C ASP B 235 -15.76 8.42 8.98
N CYS B 236 -15.12 7.55 9.76
CA CYS B 236 -13.91 7.94 10.47
C CYS B 236 -12.81 8.34 9.51
N MET B 237 -12.64 7.57 8.41
CA MET B 237 -11.58 7.89 7.46
C MET B 237 -11.82 9.21 6.73
N ASP B 238 -13.06 9.69 6.61
CA ASP B 238 -13.25 11.05 6.11
C ASP B 238 -12.42 12.05 6.92
N LYS B 239 -12.39 11.85 8.24
CA LYS B 239 -11.68 12.79 9.12
C LYS B 239 -10.18 12.53 9.11
N VAL B 240 -9.78 11.26 9.08
CA VAL B 240 -8.37 10.93 8.92
C VAL B 240 -7.81 11.57 7.64
N ILE B 241 -8.52 11.40 6.53
CA ILE B 241 -8.07 11.99 5.27
C ILE B 241 -7.89 13.50 5.42
N ALA B 242 -8.85 14.16 6.07
CA ALA B 242 -8.75 15.61 6.25
C ALA B 242 -7.50 16.00 7.03
N ILE B 243 -7.13 15.23 8.05
CA ILE B 243 -5.86 15.45 8.76
C ILE B 243 -4.69 15.29 7.83
N ILE B 244 -4.65 14.18 7.08
CA ILE B 244 -3.47 13.89 6.27
C ILE B 244 -3.25 14.97 5.23
N ARG B 245 -4.33 15.53 4.68
CA ARG B 245 -4.18 16.59 3.68
C ARG B 245 -3.35 17.76 4.23
N VAL B 246 -3.50 18.08 5.51
CA VAL B 246 -2.76 19.18 6.09
C VAL B 246 -1.28 18.83 6.21
N LEU B 247 -0.99 17.58 6.56
CA LEU B 247 0.40 17.14 6.65
C LEU B 247 1.07 17.15 5.28
N VAL B 248 0.33 16.76 4.25
CA VAL B 248 0.88 16.78 2.90
C VAL B 248 1.16 18.22 2.47
N GLU B 249 0.25 19.14 2.79
CA GLU B 249 0.43 20.52 2.34
C GLU B 249 1.61 21.20 3.03
N TYR B 250 1.76 21.00 4.33
CA TYR B 250 2.69 21.81 5.13
C TYR B 250 3.89 21.04 5.67
N GLY B 251 3.93 19.73 5.49
CA GLY B 251 5.01 18.93 6.03
C GLY B 251 4.54 18.14 7.23
N GLY B 252 4.87 16.85 7.28
CA GLY B 252 4.35 16.01 8.35
C GLY B 252 4.83 16.44 9.74
N VAL B 253 6.14 16.64 9.90
CA VAL B 253 6.65 17.04 11.21
C VAL B 253 6.16 18.44 11.55
N ALA B 254 6.27 19.38 10.60
CA ALA B 254 5.93 20.76 10.89
C ALA B 254 4.46 20.90 11.23
N ALA B 255 3.59 20.31 10.42
CA ALA B 255 2.16 20.46 10.67
C ALA B 255 1.74 19.68 11.91
N GLY B 256 2.31 18.49 12.13
CA GLY B 256 1.94 17.74 13.33
C GLY B 256 2.37 18.44 14.60
N LYS B 257 3.51 19.14 14.56
CA LYS B 257 3.94 19.92 15.72
C LYS B 257 2.94 21.04 16.02
N VAL B 258 2.47 21.72 14.97
CA VAL B 258 1.44 22.75 15.13
C VAL B 258 0.18 22.15 15.74
N ALA B 259 -0.22 20.95 15.29
CA ALA B 259 -1.44 20.33 15.78
C ALA B 259 -1.43 20.12 17.29
N MET B 260 -0.25 20.04 17.91
CA MET B 260 -0.20 19.84 19.36
C MET B 260 -0.78 21.04 20.10
N GLN B 261 -0.82 22.21 19.45
CA GLN B 261 -1.46 23.37 20.06
C GLN B 261 -2.96 23.16 20.28
N LEU B 262 -3.59 22.27 19.52
CA LEU B 262 -5.00 21.94 19.76
C LEU B 262 -5.20 21.24 21.09
N HIS B 263 -4.13 20.82 21.75
CA HIS B 263 -4.21 20.26 23.09
C HIS B 263 -3.43 21.11 24.08
N GLY B 264 -3.11 22.34 23.69
CA GLY B 264 -2.47 23.30 24.58
C GLY B 264 -0.97 23.17 24.69
N ILE B 265 -0.32 22.39 23.83
CA ILE B 265 1.09 22.05 23.98
C ILE B 265 1.88 22.69 22.85
N ASP B 266 2.88 23.51 23.20
CA ASP B 266 3.74 24.16 22.22
C ASP B 266 5.05 23.39 22.16
N VAL B 267 5.20 22.56 21.13
CA VAL B 267 6.41 21.76 20.95
C VAL B 267 7.42 22.45 20.04
N GLY B 268 7.19 23.73 19.72
CA GLY B 268 8.15 24.46 18.91
C GLY B 268 8.12 24.04 17.45
N ALA B 269 9.08 24.58 16.71
CA ALA B 269 9.26 24.29 15.29
C ALA B 269 10.10 23.02 15.12
N PRO B 270 10.10 22.43 13.93
CA PRO B 270 11.12 21.41 13.64
C PRO B 270 12.50 22.04 13.69
N ARG B 271 13.51 21.18 13.81
CA ARG B 271 14.88 21.63 13.64
C ARG B 271 15.25 21.65 12.16
N ARG B 272 16.08 22.62 11.79
CA ARG B 272 16.71 22.59 10.47
C ARG B 272 17.42 21.25 10.30
N PRO B 273 17.43 20.69 9.08
CA PRO B 273 17.01 21.25 7.79
C PRO B 273 15.51 21.30 7.51
N LEU B 274 14.65 20.80 8.38
CA LEU B 274 13.22 20.95 8.11
C LEU B 274 12.83 22.42 8.19
N ARG B 275 11.89 22.82 7.33
CA ARG B 275 11.47 24.22 7.22
C ARG B 275 10.38 24.51 8.24
N PRO B 276 10.46 25.63 8.97
CA PRO B 276 9.37 26.01 9.87
C PRO B 276 8.21 26.64 9.09
N LEU B 277 7.05 26.68 9.74
CA LEU B 277 5.89 27.33 9.18
C LEU B 277 5.87 28.80 9.55
N THR B 278 5.45 29.65 8.62
CA THR B 278 5.22 31.05 8.93
C THR B 278 4.00 31.18 9.83
N ALA B 279 3.82 32.37 10.43
CA ALA B 279 2.64 32.60 11.25
C ALA B 279 1.36 32.36 10.45
N GLU B 280 1.34 32.81 9.20
CA GLU B 280 0.16 32.65 8.37
C GLU B 280 -0.11 31.18 8.08
N GLN B 281 0.95 30.41 7.82
CA GLN B 281 0.79 28.98 7.54
C GLN B 281 0.32 28.23 8.78
N LYS B 282 0.86 28.57 9.96
CA LYS B 282 0.41 27.94 11.19
C LYS B 282 -1.07 28.16 11.40
N ALA B 283 -1.53 29.40 11.18
CA ALA B 283 -2.94 29.69 11.39
C ALA B 283 -3.81 28.94 10.40
N ASP B 284 -3.36 28.83 9.15
CA ASP B 284 -4.13 28.09 8.15
C ASP B 284 -4.17 26.61 8.49
N ALA B 285 -3.03 26.05 8.92
CA ALA B 285 -3.00 24.63 9.29
C ALA B 285 -3.94 24.35 10.46
N LEU B 286 -3.88 25.19 11.50
CA LEU B 286 -4.77 24.99 12.64
C LEU B 286 -6.23 25.09 12.24
N ALA B 287 -6.58 26.05 11.37
CA ALA B 287 -7.94 26.14 10.88
C ALA B 287 -8.35 24.88 10.12
N LYS B 288 -7.45 24.32 9.32
CA LYS B 288 -7.79 23.11 8.58
C LYS B 288 -7.92 21.92 9.50
N PHE B 289 -7.04 21.81 10.51
CA PHE B 289 -7.21 20.74 11.49
C PHE B 289 -8.55 20.85 12.20
N LYS B 290 -8.97 22.07 12.55
CA LYS B 290 -10.25 22.23 13.24
C LYS B 290 -11.41 21.86 12.33
N ALA B 291 -11.35 22.25 11.07
CA ALA B 291 -12.39 21.92 10.10
C ALA B 291 -12.47 20.43 9.84
N ALA B 292 -11.39 19.69 10.05
CA ALA B 292 -11.43 18.22 9.91
C ALA B 292 -12.37 17.57 10.90
N ASN B 293 -12.67 18.25 12.01
CA ASN B 293 -13.74 17.88 12.93
C ASN B 293 -13.44 16.58 13.69
N PHE B 294 -12.18 16.40 14.10
CA PHE B 294 -11.84 15.20 14.87
C PHE B 294 -11.75 15.45 16.38
N LEU B 295 -11.61 16.69 16.82
CA LEU B 295 -11.44 16.98 18.25
C LEU B 295 -12.72 16.67 19.02
S SO4 C . -4.07 -5.88 -16.16
O1 SO4 C . -5.21 -5.74 -15.28
O2 SO4 C . -3.12 -6.67 -15.41
O3 SO4 C . -3.54 -4.59 -16.55
O4 SO4 C . -4.43 -6.61 -17.38
S SO4 D . 8.12 7.77 13.64
O1 SO4 D . 9.34 7.29 13.03
O2 SO4 D . 8.52 8.57 14.80
O3 SO4 D . 7.26 6.67 14.02
O4 SO4 D . 7.31 8.58 12.75
#